data_3C11
#
_entry.id   3C11
#
_cell.length_a   74.150
_cell.length_b   74.150
_cell.length_c   110.880
_cell.angle_alpha   90.00
_cell.angle_beta   90.00
_cell.angle_gamma   90.00
#
_symmetry.space_group_name_H-M   'P 43 2 2'
#
loop_
_entity.id
_entity.type
_entity.pdbx_description
1 polymer 'ATP-dependent molecular chaperone HSP82'
2 non-polymer GELDANAMYCIN
3 non-polymer GLYCEROL
4 water water
#
_entity_poly.entity_id   1
_entity_poly.type   'polypeptide(L)'
_entity_poly.pdbx_seq_one_letter_code
;MGSSHHHHHHSSGLVPRGSHMASETFEFQAEITQLMSLIINTVYSNKEIFLRELISNASDALDKIRYKSLSDPKQLETEP
DLFIRITPKPEQKVLEIRDSGIGMTKAELINNLGTIAAAGTKAFMEALSAGADVSMIGQFGVGFYSLFLVADRVQVISKS
NDDEQYIWESNAGGSFTVTLDEVNERIGRGTILRLFLKDDQLEYLEEKRIKEVIKRHSEFVAYPIQLVVTKEVEKEVPIP
;
_entity_poly.pdbx_strand_id   A
#
loop_
_chem_comp.id
_chem_comp.type
_chem_comp.name
_chem_comp.formula
GDM non-polymer GELDANAMYCIN 'C29 H40 N2 O9'
GOL non-polymer GLYCEROL 'C3 H8 O3'
#
# COMPACT_ATOMS: atom_id res chain seq x y z
N MET A 21 10.47 3.52 19.56
CA MET A 21 11.63 2.64 19.40
C MET A 21 11.31 1.18 19.75
N ALA A 22 10.63 0.96 20.88
CA ALA A 22 10.20 -0.38 21.24
C ALA A 22 9.00 -0.81 20.38
N SER A 23 9.18 -1.86 19.58
CA SER A 23 8.11 -2.34 18.70
C SER A 23 7.10 -3.18 19.47
N GLU A 24 5.89 -3.26 18.93
CA GLU A 24 4.90 -4.22 19.42
C GLU A 24 4.65 -5.22 18.32
N THR A 25 4.47 -6.48 18.70
CA THR A 25 4.27 -7.54 17.71
C THR A 25 2.85 -8.10 17.78
N PHE A 26 2.25 -8.32 16.62
CA PHE A 26 0.87 -8.78 16.53
C PHE A 26 0.76 -9.97 15.57
N GLU A 27 -0.24 -10.82 15.77
CA GLU A 27 -0.48 -11.94 14.86
C GLU A 27 -1.52 -11.58 13.80
N PHE A 28 -1.25 -11.95 12.55
CA PHE A 28 -2.24 -11.82 11.49
C PHE A 28 -3.37 -12.81 11.70
N GLN A 29 -4.58 -12.43 11.36
CA GLN A 29 -5.67 -13.39 11.26
CA GLN A 29 -5.66 -13.40 11.27
C GLN A 29 -5.26 -14.44 10.23
N ALA A 30 -5.56 -15.71 10.50
CA ALA A 30 -5.06 -16.81 9.67
C ALA A 30 -5.33 -16.66 8.17
N GLU A 31 -6.50 -16.16 7.79
CA GLU A 31 -6.85 -16.02 6.38
CA GLU A 31 -6.85 -16.02 6.38
C GLU A 31 -5.95 -15.03 5.64
N ILE A 32 -5.50 -13.98 6.32
CA ILE A 32 -4.65 -13.00 5.67
C ILE A 32 -3.28 -13.61 5.41
N THR A 33 -2.77 -14.33 6.40
CA THR A 33 -1.52 -15.07 6.28
C THR A 33 -1.56 -15.99 5.07
N GLN A 34 -2.69 -16.69 4.91
CA GLN A 34 -2.87 -17.60 3.80
CA GLN A 34 -2.87 -17.60 3.80
C GLN A 34 -2.83 -16.85 2.46
N LEU A 35 -3.52 -15.71 2.41
CA LEU A 35 -3.52 -14.91 1.18
C LEU A 35 -2.13 -14.40 0.82
N MET A 36 -1.40 -13.91 1.80
CA MET A 36 -0.06 -13.37 1.56
C MET A 36 0.90 -14.46 1.06
N SER A 37 0.83 -15.63 1.68
CA SER A 37 1.76 -16.70 1.37
C SER A 37 1.60 -17.10 -0.10
N LEU A 38 0.34 -17.18 -0.52
CA LEU A 38 0.00 -17.45 -1.90
C LEU A 38 0.57 -16.38 -2.84
N ILE A 39 0.36 -15.13 -2.50
CA ILE A 39 0.79 -14.03 -3.37
C ILE A 39 2.31 -13.88 -3.46
N ILE A 40 3.02 -14.02 -2.34
CA ILE A 40 4.45 -13.82 -2.40
C ILE A 40 5.13 -14.92 -3.22
N ASN A 41 4.48 -16.08 -3.28
CA ASN A 41 5.03 -17.25 -3.96
C ASN A 41 4.51 -17.50 -5.38
N THR A 42 3.48 -16.77 -5.78
CA THR A 42 2.83 -17.03 -7.08
C THR A 42 3.73 -16.70 -8.27
N VAL A 43 3.59 -17.47 -9.35
CA VAL A 43 4.32 -17.20 -10.58
C VAL A 43 3.45 -16.45 -11.60
N TYR A 44 2.34 -15.89 -11.14
CA TYR A 44 1.50 -15.01 -11.95
C TYR A 44 2.39 -14.08 -12.77
N SER A 45 2.02 -13.86 -14.03
CA SER A 45 2.88 -13.18 -14.99
CA SER A 45 2.89 -13.17 -14.99
C SER A 45 2.67 -11.66 -15.07
N ASN A 46 1.51 -11.19 -14.65
CA ASN A 46 1.17 -9.78 -14.77
CA ASN A 46 1.13 -9.79 -14.76
C ASN A 46 1.30 -9.05 -13.42
N LYS A 47 2.51 -9.05 -12.88
CA LYS A 47 2.73 -8.55 -11.53
CA LYS A 47 2.75 -8.55 -11.53
C LYS A 47 2.58 -7.03 -11.41
N GLU A 48 2.62 -6.34 -12.55
CA GLU A 48 2.55 -4.88 -12.57
CA GLU A 48 2.55 -4.88 -12.57
C GLU A 48 1.24 -4.34 -12.00
N ILE A 49 0.24 -5.20 -11.87
CA ILE A 49 -1.05 -4.77 -11.35
C ILE A 49 -0.97 -4.18 -9.94
N PHE A 50 0.09 -4.51 -9.22
CA PHE A 50 0.27 -3.99 -7.86
C PHE A 50 0.21 -2.46 -7.85
N LEU A 51 0.75 -1.82 -8.88
CA LEU A 51 0.85 -0.37 -8.86
C LEU A 51 -0.52 0.29 -8.98
N ARG A 52 -1.37 -0.26 -9.85
CA ARG A 52 -2.75 0.22 -9.96
C ARG A 52 -3.47 0.13 -8.62
N GLU A 53 -3.28 -1.00 -7.94
CA GLU A 53 -3.94 -1.22 -6.65
C GLU A 53 -3.52 -0.18 -5.62
N LEU A 54 -2.22 0.08 -5.53
CA LEU A 54 -1.72 1.02 -4.52
C LEU A 54 -2.05 2.46 -4.89
N ILE A 55 -2.04 2.80 -6.17
CA ILE A 55 -2.49 4.12 -6.59
C ILE A 55 -3.98 4.32 -6.27
N SER A 56 -4.78 3.28 -6.47
N SER A 56 -4.79 3.28 -6.48
CA SER A 56 -6.21 3.36 -6.19
CA SER A 56 -6.22 3.38 -6.18
C SER A 56 -6.45 3.58 -4.70
C SER A 56 -6.45 3.58 -4.69
N ASN A 57 -5.68 2.87 -3.87
CA ASN A 57 -5.76 3.03 -2.42
C ASN A 57 -5.38 4.46 -2.01
N ALA A 58 -4.31 4.98 -2.61
CA ALA A 58 -3.89 6.34 -2.38
C ALA A 58 -4.99 7.31 -2.76
N SER A 59 -5.62 7.09 -3.92
CA SER A 59 -6.71 7.94 -4.35
C SER A 59 -7.89 7.90 -3.36
N ASP A 60 -8.20 6.72 -2.86
CA ASP A 60 -9.29 6.58 -1.89
C ASP A 60 -8.97 7.40 -0.63
N ALA A 61 -7.73 7.32 -0.17
CA ALA A 61 -7.33 8.03 1.04
C ALA A 61 -7.43 9.54 0.85
N LEU A 62 -7.11 9.99 -0.36
CA LEU A 62 -7.22 11.40 -0.70
C LEU A 62 -8.69 11.83 -0.80
N ASP A 63 -9.52 10.99 -1.39
CA ASP A 63 -10.96 11.25 -1.44
C ASP A 63 -11.49 11.48 -0.03
N LYS A 64 -11.03 10.66 0.91
CA LYS A 64 -11.56 10.69 2.26
C LYS A 64 -11.16 11.95 3.04
N ILE A 65 -9.91 12.39 2.90
CA ILE A 65 -9.52 13.63 3.59
C ILE A 65 -10.22 14.84 2.95
N ARG A 66 -10.42 14.78 1.63
CA ARG A 66 -11.12 15.86 0.95
CA ARG A 66 -11.14 15.86 0.94
C ARG A 66 -12.58 15.92 1.42
N TYR A 67 -13.21 14.77 1.55
CA TYR A 67 -14.62 14.73 1.95
C TYR A 67 -14.76 15.18 3.41
N LYS A 68 -13.85 14.69 4.25
CA LYS A 68 -13.85 15.07 5.66
CA LYS A 68 -13.84 15.06 5.66
C LYS A 68 -13.70 16.58 5.80
N SER A 69 -12.88 17.16 4.92
N SER A 69 -12.88 17.17 4.93
CA SER A 69 -12.57 18.58 4.97
CA SER A 69 -12.59 18.59 5.05
C SER A 69 -13.76 19.49 4.61
C SER A 69 -13.73 19.50 4.56
N LEU A 70 -14.77 18.91 3.98
CA LEU A 70 -15.94 19.69 3.57
C LEU A 70 -16.57 20.37 4.79
N SER A 71 -16.51 19.68 5.94
CA SER A 71 -17.17 20.16 7.15
C SER A 71 -16.15 20.43 8.26
N ASP A 72 -14.88 20.18 7.96
CA ASP A 72 -13.80 20.39 8.93
C ASP A 72 -12.55 20.79 8.14
N PRO A 73 -12.56 22.00 7.57
CA PRO A 73 -11.50 22.43 6.67
C PRO A 73 -10.11 22.43 7.31
N LYS A 74 -10.04 22.58 8.63
CA LYS A 74 -8.74 22.61 9.31
C LYS A 74 -7.98 21.30 9.14
N GLN A 75 -8.69 20.24 8.77
CA GLN A 75 -8.06 18.92 8.58
C GLN A 75 -7.02 18.93 7.46
N LEU A 76 -7.16 19.84 6.52
CA LEU A 76 -6.22 19.91 5.40
C LEU A 76 -4.91 20.58 5.79
N GLU A 77 -4.94 21.34 6.88
CA GLU A 77 -3.83 22.25 7.23
C GLU A 77 -2.50 21.55 7.52
N THR A 78 -2.57 20.29 7.92
CA THR A 78 -1.38 19.51 8.20
C THR A 78 -0.58 19.19 6.93
N GLU A 79 -1.24 19.29 5.78
CA GLU A 79 -0.62 19.11 4.47
C GLU A 79 -1.60 19.56 3.39
N PRO A 80 -1.55 20.85 3.03
CA PRO A 80 -2.53 21.48 2.13
C PRO A 80 -2.52 20.91 0.71
N ASP A 81 -1.40 20.33 0.30
CA ASP A 81 -1.27 19.80 -1.07
C ASP A 81 -1.74 18.35 -1.16
N LEU A 82 -2.60 18.07 -2.12
CA LEU A 82 -3.16 16.73 -2.30
C LEU A 82 -2.47 16.06 -3.49
N PHE A 83 -1.75 14.98 -3.24
CA PHE A 83 -0.92 14.37 -4.27
C PHE A 83 -0.66 12.91 -4.02
N ILE A 84 -0.28 12.23 -5.08
CA ILE A 84 0.29 10.90 -5.01
C ILE A 84 1.73 11.03 -5.54
N ARG A 85 2.68 10.41 -4.85
CA ARG A 85 4.08 10.58 -5.22
C ARG A 85 4.81 9.25 -5.23
N ILE A 86 5.54 9.00 -6.30
CA ILE A 86 6.27 7.74 -6.45
CA ILE A 86 6.27 7.75 -6.43
C ILE A 86 7.78 7.98 -6.48
N THR A 87 8.50 7.33 -5.55
CA THR A 87 9.94 7.56 -5.41
C THR A 87 10.75 6.28 -5.42
N PRO A 88 11.43 6.00 -6.53
CA PRO A 88 12.38 4.89 -6.57
CA PRO A 88 12.36 4.87 -6.53
C PRO A 88 13.63 5.20 -5.74
N LYS A 89 14.08 4.24 -4.93
CA LYS A 89 15.31 4.36 -4.15
C LYS A 89 16.22 3.19 -4.50
N PRO A 90 16.93 3.31 -5.63
CA PRO A 90 17.68 2.22 -6.26
C PRO A 90 18.68 1.53 -5.34
N GLU A 91 19.48 2.28 -4.59
CA GLU A 91 20.51 1.67 -3.76
C GLU A 91 19.89 0.72 -2.74
N GLN A 92 18.73 1.10 -2.20
CA GLN A 92 18.08 0.28 -1.18
C GLN A 92 17.14 -0.77 -1.81
N LYS A 93 17.04 -0.77 -3.13
CA LYS A 93 16.09 -1.63 -3.83
C LYS A 93 14.66 -1.42 -3.30
N VAL A 94 14.30 -0.16 -3.10
CA VAL A 94 13.03 0.22 -2.49
C VAL A 94 12.23 1.08 -3.46
N LEU A 95 10.91 0.88 -3.47
CA LEU A 95 10.00 1.77 -4.19
C LEU A 95 8.98 2.31 -3.21
N GLU A 96 8.88 3.63 -3.13
CA GLU A 96 7.90 4.27 -2.24
C GLU A 96 6.68 4.83 -2.97
N ILE A 97 5.49 4.52 -2.48
CA ILE A 97 4.26 5.12 -3.00
C ILE A 97 3.62 5.91 -1.87
N ARG A 98 3.60 7.24 -2.05
CA ARG A 98 3.15 8.14 -0.99
CA ARG A 98 3.18 8.16 -1.01
C ARG A 98 1.89 8.88 -1.38
N ASP A 99 1.04 9.13 -0.39
CA ASP A 99 -0.12 10.01 -0.59
C ASP A 99 -0.25 10.98 0.57
N SER A 100 -0.93 12.10 0.32
CA SER A 100 -1.29 13.02 1.40
C SER A 100 -2.77 12.87 1.76
N GLY A 101 -3.24 11.63 1.75
CA GLY A 101 -4.61 11.31 2.12
C GLY A 101 -4.83 11.34 3.62
N ILE A 102 -5.90 10.69 4.05
CA ILE A 102 -6.34 10.78 5.44
C ILE A 102 -5.38 10.10 6.43
N GLY A 103 -4.60 9.14 5.96
CA GLY A 103 -3.68 8.42 6.84
C GLY A 103 -4.41 7.46 7.76
N MET A 104 -3.63 6.72 8.55
CA MET A 104 -4.17 5.70 9.44
CA MET A 104 -4.17 5.71 9.45
C MET A 104 -3.57 5.83 10.84
N THR A 105 -4.41 5.69 11.85
CA THR A 105 -3.93 5.69 13.23
C THR A 105 -3.29 4.34 13.58
N LYS A 106 -2.67 4.26 14.74
CA LYS A 106 -2.06 3.01 15.18
C LYS A 106 -3.10 1.89 15.21
N ALA A 107 -4.26 2.19 15.79
CA ALA A 107 -5.32 1.21 15.91
C ALA A 107 -5.84 0.75 14.54
N GLU A 108 -5.93 1.69 13.61
CA GLU A 108 -6.31 1.38 12.23
C GLU A 108 -5.29 0.49 11.52
N LEU A 109 -4.01 0.78 11.69
CA LEU A 109 -2.97 -0.06 11.09
C LEU A 109 -3.10 -1.50 11.60
N ILE A 110 -3.20 -1.64 12.92
CA ILE A 110 -3.32 -2.97 13.52
C ILE A 110 -4.58 -3.74 13.05
N ASN A 111 -5.73 -3.11 13.18
CA ASN A 111 -7.00 -3.79 12.89
C ASN A 111 -7.21 -4.05 11.40
N ASN A 112 -7.03 -3.03 10.59
CA ASN A 112 -7.37 -3.14 9.17
C ASN A 112 -6.37 -3.92 8.33
N LEU A 113 -5.09 -3.80 8.65
CA LEU A 113 -4.09 -4.56 7.90
C LEU A 113 -3.86 -5.97 8.43
N GLY A 114 -4.24 -6.21 9.69
N GLY A 114 -4.08 -6.20 9.72
CA GLY A 114 -3.99 -7.49 10.32
CA GLY A 114 -3.49 -7.38 10.32
C GLY A 114 -5.21 -8.38 10.54
C GLY A 114 -4.35 -8.34 11.12
N THR A 115 -6.41 -7.82 10.51
N THR A 115 -5.23 -7.80 11.97
CA THR A 115 -7.61 -8.59 10.84
CA THR A 115 -5.87 -8.65 12.95
C THR A 115 -8.84 -8.40 9.94
C THR A 115 -7.32 -9.00 12.64
N ILE A 116 -9.20 -7.14 9.70
N ILE A 116 -7.91 -8.32 11.66
CA ILE A 116 -10.47 -6.83 9.05
CA ILE A 116 -9.25 -8.67 11.21
C ILE A 116 -10.52 -7.40 7.62
C ILE A 116 -9.37 -8.57 9.69
N ALA A 117 -9.36 -7.45 6.98
N ALA A 117 -9.33 -9.73 9.03
CA ALA A 117 -9.24 -7.97 5.62
CA ALA A 117 -9.32 -9.81 7.58
C ALA A 117 -9.51 -9.47 5.49
C ALA A 117 -10.51 -9.10 6.97
N ALA A 118 -9.68 -10.15 6.62
N ALA A 118 -10.28 -8.44 5.83
CA ALA A 118 -9.75 -11.62 6.64
CA ALA A 118 -11.34 -7.75 5.13
C ALA A 118 -10.79 -12.24 5.72
C ALA A 118 -12.40 -8.75 4.74
N ALA A 119 -12.03 -11.80 5.84
N ALA A 119 -13.64 -8.30 4.62
CA ALA A 119 -13.11 -12.39 5.05
CA ALA A 119 -14.74 -9.17 4.29
C ALA A 119 -12.86 -12.17 3.56
C ALA A 119 -14.47 -10.12 3.12
N GLY A 120 -12.52 -10.94 3.20
N GLY A 120 -13.83 -9.60 2.07
CA GLY A 120 -12.26 -10.58 1.83
CA GLY A 120 -13.71 -10.35 0.83
C GLY A 120 -11.18 -11.44 1.22
C GLY A 120 -12.54 -11.32 0.73
N THR A 121 -10.18 -11.77 2.02
N THR A 121 -11.74 -11.41 1.80
CA THR A 121 -9.14 -12.66 1.56
CA THR A 121 -10.47 -12.13 1.78
C THR A 121 -9.74 -14.05 1.27
C THR A 121 -10.60 -13.54 1.21
N LYS A 122 -10.68 -14.52 2.11
CA LYS A 122 -11.25 -15.83 1.85
C LYS A 122 -12.02 -15.94 0.53
N ALA A 123 -12.93 -15.00 0.27
CA ALA A 123 -13.73 -15.03 -0.95
C ALA A 123 -12.82 -14.89 -2.18
N PHE A 124 -11.81 -14.06 -2.08
CA PHE A 124 -10.88 -13.85 -3.20
C PHE A 124 -10.06 -15.13 -3.41
N MET A 125 -9.65 -15.79 -2.33
CA MET A 125 -8.84 -17.00 -2.46
C MET A 125 -9.66 -18.10 -3.13
N GLU A 126 -10.94 -18.15 -2.81
CA GLU A 126 -11.81 -19.11 -3.46
C GLU A 126 -11.95 -18.80 -4.95
N ALA A 127 -12.07 -17.52 -5.29
CA ALA A 127 -12.12 -17.15 -6.71
C ALA A 127 -10.82 -17.50 -7.44
N LEU A 128 -9.67 -17.27 -6.80
CA LEU A 128 -8.40 -17.70 -7.38
C LEU A 128 -8.35 -19.20 -7.68
N SER A 129 -8.73 -20.02 -6.70
CA SER A 129 -8.70 -21.45 -6.88
CA SER A 129 -8.71 -21.46 -6.87
C SER A 129 -9.61 -21.88 -8.03
N ALA A 130 -10.55 -21.02 -8.38
CA ALA A 130 -11.51 -21.32 -9.45
C ALA A 130 -11.04 -20.83 -10.82
N GLY A 131 -10.06 -19.96 -10.85
CA GLY A 131 -9.50 -19.46 -12.11
C GLY A 131 -9.49 -17.96 -12.29
N ALA A 132 -9.95 -17.19 -11.29
CA ALA A 132 -9.99 -15.75 -11.42
C ALA A 132 -8.60 -15.17 -11.66
N ASP A 133 -8.52 -14.15 -12.50
CA ASP A 133 -7.26 -13.43 -12.68
C ASP A 133 -6.91 -12.73 -11.37
N VAL A 134 -5.65 -12.81 -10.95
CA VAL A 134 -5.20 -12.09 -9.75
C VAL A 134 -5.56 -10.60 -9.80
N SER A 135 -5.69 -10.06 -11.01
CA SER A 135 -6.03 -8.65 -11.17
CA SER A 135 -6.04 -8.66 -11.19
C SER A 135 -7.39 -8.27 -10.59
N MET A 136 -8.23 -9.26 -10.28
CA MET A 136 -9.53 -9.00 -9.66
C MET A 136 -9.41 -8.61 -8.19
N ILE A 137 -8.19 -8.64 -7.67
CA ILE A 137 -7.99 -8.53 -6.22
C ILE A 137 -8.65 -7.27 -5.62
N GLY A 138 -8.65 -6.16 -6.35
CA GLY A 138 -9.29 -4.94 -5.89
C GLY A 138 -10.80 -5.02 -5.74
N GLN A 139 -11.44 -5.81 -6.59
CA GLN A 139 -12.89 -5.93 -6.52
C GLN A 139 -13.33 -6.68 -5.25
N PHE A 140 -12.41 -7.42 -4.64
CA PHE A 140 -12.68 -8.09 -3.37
C PHE A 140 -12.21 -7.28 -2.16
N GLY A 141 -11.67 -6.08 -2.42
CA GLY A 141 -11.27 -5.16 -1.36
C GLY A 141 -10.02 -5.56 -0.60
N VAL A 142 -9.17 -6.36 -1.21
CA VAL A 142 -7.93 -6.81 -0.57
C VAL A 142 -6.67 -6.53 -1.42
N GLY A 143 -6.77 -5.54 -2.30
CA GLY A 143 -5.71 -5.20 -3.24
C GLY A 143 -4.42 -4.72 -2.61
N PHE A 144 -4.45 -4.29 -1.35
CA PHE A 144 -3.22 -3.91 -0.67
C PHE A 144 -2.22 -5.06 -0.77
N TYR A 145 -2.70 -6.28 -0.60
CA TYR A 145 -1.79 -7.40 -0.48
C TYR A 145 -1.14 -7.78 -1.80
N SER A 146 -1.58 -7.14 -2.89
CA SER A 146 -0.96 -7.38 -4.19
C SER A 146 0.49 -6.91 -4.21
N LEU A 147 0.89 -6.10 -3.22
CA LEU A 147 2.26 -5.61 -3.19
C LEU A 147 3.24 -6.78 -3.08
N PHE A 148 2.79 -7.89 -2.49
CA PHE A 148 3.68 -9.05 -2.35
C PHE A 148 3.98 -9.76 -3.67
N LEU A 149 3.36 -9.34 -4.76
CA LEU A 149 3.77 -9.82 -6.08
C LEU A 149 5.20 -9.36 -6.40
N VAL A 150 5.55 -8.17 -5.93
CA VAL A 150 6.84 -7.58 -6.30
C VAL A 150 7.80 -7.36 -5.13
N ALA A 151 7.27 -7.40 -3.90
CA ALA A 151 8.07 -7.11 -2.71
C ALA A 151 8.01 -8.28 -1.75
N ASP A 152 9.09 -8.50 -1.00
CA ASP A 152 9.06 -9.53 0.05
C ASP A 152 9.02 -8.91 1.44
N ARG A 153 8.93 -7.59 1.49
CA ARG A 153 8.84 -6.89 2.75
C ARG A 153 8.21 -5.51 2.48
N VAL A 154 7.45 -5.00 3.44
CA VAL A 154 6.82 -3.70 3.31
C VAL A 154 6.80 -2.97 4.65
N GLN A 155 7.05 -1.67 4.60
CA GLN A 155 6.72 -0.80 5.73
C GLN A 155 5.62 0.14 5.27
N VAL A 156 4.54 0.17 6.05
CA VAL A 156 3.49 1.16 5.89
C VAL A 156 3.73 2.23 6.96
N ILE A 157 4.12 3.42 6.52
CA ILE A 157 4.44 4.53 7.40
C ILE A 157 3.28 5.50 7.28
N SER A 158 2.62 5.79 8.39
CA SER A 158 1.39 6.57 8.26
C SER A 158 1.20 7.59 9.36
N LYS A 159 0.60 8.72 8.98
CA LYS A 159 0.31 9.80 9.90
C LYS A 159 -1.11 10.29 9.66
N SER A 160 -1.99 9.94 10.59
CA SER A 160 -3.34 10.50 10.63
C SER A 160 -3.30 11.76 11.47
N ASN A 161 -4.20 12.70 11.17
CA ASN A 161 -4.34 13.87 12.02
C ASN A 161 -4.65 13.51 13.47
N ASP A 162 -5.21 12.31 13.65
CA ASP A 162 -5.69 11.86 14.96
C ASP A 162 -4.67 11.07 15.79
N ASP A 163 -3.46 10.87 15.28
CA ASP A 163 -2.46 10.08 15.99
C ASP A 163 -1.03 10.49 15.63
N GLU A 164 -0.06 9.85 16.26
CA GLU A 164 1.36 10.06 15.93
C GLU A 164 1.73 9.27 14.67
N GLN A 165 2.93 9.49 14.15
CA GLN A 165 3.38 8.76 12.96
C GLN A 165 3.86 7.37 13.39
N TYR A 166 3.38 6.34 12.69
CA TYR A 166 3.68 4.94 13.04
C TYR A 166 4.19 4.14 11.85
N ILE A 167 4.98 3.10 12.13
CA ILE A 167 5.48 2.17 11.13
C ILE A 167 4.89 0.78 11.37
N TRP A 168 4.18 0.27 10.38
CA TRP A 168 3.65 -1.10 10.36
C TRP A 168 4.56 -1.88 9.42
N GLU A 169 5.07 -3.03 9.85
CA GLU A 169 6.01 -3.77 9.02
C GLU A 169 5.66 -5.25 8.92
N SER A 170 5.71 -5.77 7.71
CA SER A 170 5.41 -7.17 7.46
C SER A 170 6.33 -7.75 6.39
N ASN A 171 6.68 -9.02 6.55
CA ASN A 171 7.37 -9.77 5.52
C ASN A 171 6.55 -10.99 5.09
N ALA A 172 5.23 -10.84 5.13
CA ALA A 172 4.29 -11.88 4.70
C ALA A 172 4.27 -13.09 5.62
N GLY A 173 5.05 -13.03 6.70
CA GLY A 173 5.01 -14.07 7.70
C GLY A 173 3.77 -13.87 8.55
N GLY A 174 3.55 -14.77 9.51
CA GLY A 174 2.35 -14.77 10.32
C GLY A 174 2.19 -13.62 11.32
N SER A 175 3.23 -12.81 11.47
CA SER A 175 3.17 -11.70 12.43
C SER A 175 3.66 -10.40 11.80
N PHE A 176 3.21 -9.29 12.37
CA PHE A 176 3.68 -7.98 11.96
C PHE A 176 4.03 -7.13 13.17
N THR A 177 4.75 -6.03 12.93
CA THR A 177 5.11 -5.12 14.01
C THR A 177 4.53 -3.73 13.79
N VAL A 178 4.32 -3.02 14.88
CA VAL A 178 3.96 -1.61 14.83
C VAL A 178 4.85 -0.84 15.78
N THR A 179 5.47 0.22 15.28
CA THR A 179 6.46 0.98 16.05
C THR A 179 6.22 2.47 15.89
N LEU A 180 6.26 3.20 17.00
CA LEU A 180 6.22 4.66 16.93
C LEU A 180 7.43 5.14 16.10
N ASP A 181 7.16 6.04 15.15
CA ASP A 181 8.16 6.41 14.16
C ASP A 181 9.10 7.53 14.61
N GLU A 182 10.33 7.16 14.89
CA GLU A 182 11.37 8.12 15.25
C GLU A 182 12.56 8.01 14.30
N VAL A 183 12.32 7.46 13.11
CA VAL A 183 13.42 7.23 12.15
C VAL A 183 13.20 7.69 10.71
N ASN A 184 11.95 7.96 10.31
CA ASN A 184 11.67 8.37 8.95
C ASN A 184 11.34 9.85 8.84
N GLU A 185 11.41 10.40 7.63
CA GLU A 185 11.00 11.78 7.42
CA GLU A 185 11.01 11.78 7.43
C GLU A 185 9.59 12.02 7.94
N ARG A 186 9.32 13.21 8.43
CA ARG A 186 7.96 13.54 8.87
C ARG A 186 7.07 13.65 7.67
N ILE A 187 5.93 12.97 7.70
CA ILE A 187 4.92 13.29 6.72
C ILE A 187 3.92 14.18 7.46
N GLY A 188 3.48 15.24 6.81
CA GLY A 188 2.50 16.11 7.42
C GLY A 188 1.25 15.32 7.74
N ARG A 189 0.82 14.53 6.75
CA ARG A 189 -0.40 13.73 6.85
C ARG A 189 -0.40 12.78 5.66
N GLY A 190 -0.83 11.54 5.87
CA GLY A 190 -0.94 10.57 4.78
C GLY A 190 -0.14 9.32 5.04
N THR A 191 0.23 8.63 3.96
CA THR A 191 0.82 7.31 4.07
C THR A 191 1.91 7.07 3.05
N ILE A 192 2.97 6.38 3.48
CA ILE A 192 3.98 5.89 2.57
C ILE A 192 3.97 4.36 2.57
N LEU A 193 3.82 3.78 1.40
CA LEU A 193 4.09 2.36 1.25
C LEU A 193 5.51 2.21 0.76
N ARG A 194 6.36 1.68 1.63
CA ARG A 194 7.76 1.45 1.30
C ARG A 194 7.94 -0.02 0.96
N LEU A 195 8.06 -0.29 -0.34
CA LEU A 195 8.22 -1.65 -0.84
C LEU A 195 9.67 -2.02 -0.98
N PHE A 196 10.04 -3.13 -0.35
CA PHE A 196 11.35 -3.72 -0.53
C PHE A 196 11.24 -4.77 -1.63
N LEU A 197 11.70 -4.36 -2.81
CA LEU A 197 11.48 -5.13 -4.02
C LEU A 197 12.28 -6.42 -4.04
N LYS A 198 11.69 -7.47 -4.61
CA LYS A 198 12.42 -8.71 -4.86
C LYS A 198 13.52 -8.48 -5.88
N ASP A 199 14.56 -9.31 -5.84
CA ASP A 199 15.72 -9.13 -6.72
C ASP A 199 15.39 -9.19 -8.20
N ASP A 200 14.31 -9.88 -8.55
CA ASP A 200 13.93 -10.02 -9.96
C ASP A 200 12.82 -9.05 -10.39
N GLN A 201 12.50 -8.07 -9.53
CA GLN A 201 11.46 -7.10 -9.85
C GLN A 201 11.99 -5.67 -9.81
N LEU A 202 13.28 -5.50 -10.09
CA LEU A 202 13.92 -4.20 -9.96
C LEU A 202 13.59 -3.28 -11.13
N GLU A 203 12.87 -3.80 -12.13
CA GLU A 203 12.39 -2.99 -13.22
C GLU A 203 11.47 -1.86 -12.73
N TYR A 204 10.81 -2.07 -11.60
CA TYR A 204 9.88 -1.07 -11.09
C TYR A 204 10.58 0.11 -10.41
N LEU A 205 11.91 0.11 -10.48
CA LEU A 205 12.73 1.25 -10.05
C LEU A 205 13.00 2.21 -11.22
N GLU A 206 12.74 1.76 -12.44
CA GLU A 206 13.07 2.54 -13.65
C GLU A 206 11.96 3.48 -14.07
N GLU A 207 12.32 4.74 -14.32
CA GLU A 207 11.35 5.76 -14.73
C GLU A 207 10.49 5.33 -15.91
N LYS A 208 11.13 4.79 -16.94
CA LYS A 208 10.46 4.39 -18.17
C LYS A 208 9.33 3.40 -17.88
N ARG A 209 9.67 2.34 -17.15
CA ARG A 209 8.71 1.31 -16.78
C ARG A 209 7.56 1.84 -15.92
N ILE A 210 7.89 2.71 -14.96
CA ILE A 210 6.86 3.23 -14.06
C ILE A 210 5.82 4.06 -14.81
N LYS A 211 6.27 4.91 -15.73
CA LYS A 211 5.34 5.72 -16.52
C LYS A 211 4.39 4.85 -17.32
N GLU A 212 4.92 3.80 -17.94
CA GLU A 212 4.10 2.98 -18.82
C GLU A 212 3.03 2.21 -18.04
N VAL A 213 3.38 1.78 -16.83
CA VAL A 213 2.41 1.09 -15.98
C VAL A 213 1.28 2.03 -15.53
N ILE A 214 1.63 3.26 -15.19
CA ILE A 214 0.64 4.26 -14.80
C ILE A 214 -0.30 4.61 -15.96
N LYS A 215 0.28 4.92 -17.12
CA LYS A 215 -0.50 5.31 -18.27
C LYS A 215 -1.46 4.20 -18.69
N ARG A 216 -1.08 2.96 -18.42
CA ARG A 216 -1.84 1.81 -18.87
C ARG A 216 -3.04 1.46 -18.00
N HIS A 217 -2.92 1.65 -16.69
CA HIS A 217 -3.95 1.13 -15.77
C HIS A 217 -4.54 2.18 -14.84
N SER A 218 -4.04 3.41 -14.91
CA SER A 218 -4.51 4.46 -14.01
C SER A 218 -4.75 5.75 -14.79
N GLU A 219 -5.57 5.69 -15.83
CA GLU A 219 -5.82 6.84 -16.70
C GLU A 219 -6.66 7.95 -16.06
N PHE A 220 -7.61 7.56 -15.22
CA PHE A 220 -8.54 8.51 -14.61
C PHE A 220 -8.32 8.68 -13.12
N VAL A 221 -7.26 9.38 -12.76
CA VAL A 221 -6.98 9.68 -11.37
C VAL A 221 -7.18 11.17 -11.15
N ALA A 222 -7.88 11.53 -10.07
CA ALA A 222 -8.24 12.92 -9.85
C ALA A 222 -7.09 13.76 -9.29
N TYR A 223 -6.02 13.10 -8.84
CA TYR A 223 -4.91 13.76 -8.16
C TYR A 223 -3.62 13.71 -8.98
N PRO A 224 -2.76 14.72 -8.82
CA PRO A 224 -1.46 14.69 -9.52
C PRO A 224 -0.69 13.46 -9.11
N ILE A 225 -0.12 12.75 -10.08
CA ILE A 225 0.81 11.66 -9.77
C ILE A 225 2.22 12.15 -10.09
N GLN A 226 3.03 12.27 -9.04
CA GLN A 226 4.38 12.83 -9.15
C GLN A 226 5.41 11.71 -9.10
N LEU A 227 6.36 11.77 -10.02
CA LEU A 227 7.45 10.80 -10.04
C LEU A 227 8.75 11.51 -9.67
N VAL A 228 9.42 10.99 -8.66
CA VAL A 228 10.66 11.57 -8.18
C VAL A 228 11.84 10.84 -8.79
N VAL A 229 12.60 11.51 -9.63
CA VAL A 229 13.69 10.86 -10.33
C VAL A 229 15.03 11.48 -9.98
N THR A 230 16.01 10.63 -9.73
CA THR A 230 17.36 11.08 -9.39
C THR A 230 18.28 10.93 -10.60
N LYS A 231 18.83 12.04 -11.08
CA LYS A 231 19.71 12.02 -12.25
C LYS A 231 21.05 12.71 -12.00
N GLU A 232 22.12 12.11 -12.49
CA GLU A 232 23.45 12.69 -12.32
C GLU A 232 23.65 13.87 -13.27
N VAL A 233 24.20 14.95 -12.73
CA VAL A 233 24.46 16.15 -13.53
C VAL A 233 25.78 16.03 -14.28
N GLU A 234 25.77 16.38 -15.56
CA GLU A 234 26.98 16.33 -16.37
C GLU A 234 27.11 17.53 -17.30
O1 GDM B . -6.51 -4.28 0.65
O2 GDM B . -3.33 0.74 2.43
O3 GDM B . -4.18 3.08 1.72
O4 GDM B . -3.94 5.07 2.91
O5 GDM B . -10.30 4.32 5.19
O6 GDM B . -9.87 2.01 6.72
O7 GDM B . -11.28 1.72 1.57
O8 GDM B . -9.69 1.64 -0.69
O9 GDM B . -9.51 -2.62 2.60
N1 GDM B . -7.92 -2.62 0.24
N2 GDM B . -2.89 4.84 0.91
C1 GDM B . -7.06 -3.26 1.01
C2 GDM B . -6.73 -2.72 2.34
C3 GDM B . -6.30 -1.44 2.46
C4 GDM B . -5.97 -0.85 3.74
C5 GDM B . -5.25 0.27 3.86
C6 GDM B . -4.73 0.99 2.64
C7 GDM B . -4.89 2.50 2.82
C8 GDM B . -6.32 2.96 2.80
C9 GDM B . -6.88 3.48 3.90
C10 GDM B . -8.30 4.00 3.93
C11 GDM B . -9.00 3.68 5.23
C12 GDM B . -9.20 2.18 5.45
C13 GDM B . -10.03 1.53 4.36
C14 GDM B . -10.44 0.09 4.64
C15 GDM B . -11.25 -0.52 3.48
C16 GDM B . -10.43 -0.49 2.21
C17 GDM B . -10.47 0.67 1.30
C18 GDM B . -9.65 0.63 0.07
C19 GDM B . -8.82 -0.46 -0.23
C20 GDM B . -8.73 -1.58 0.61
C21 GDM B . -9.55 -1.64 1.84
C22 GDM B . -6.84 -3.62 3.54
C23 GDM B . -2.45 0.98 3.52
C24 GDM B . -3.66 4.41 1.90
C25 GDM B . -7.08 2.86 1.50
C26 GDM B . -8.25 5.51 3.75
C27 GDM B . -9.05 2.33 7.85
C28 GDM B . -9.20 -0.75 4.96
C29 GDM B . -12.37 1.96 0.66
C1 GOL C . -4.99 19.49 12.03
O1 GOL C . -5.30 20.65 11.30
C2 GOL C . -6.26 18.73 12.40
O2 GOL C . -7.40 19.52 12.10
C3 GOL C . -6.24 18.39 13.88
O3 GOL C . -7.19 17.39 14.15
C1 GOL D . 5.26 19.49 5.12
O1 GOL D . 3.90 19.22 5.37
C2 GOL D . 6.10 18.23 5.35
O2 GOL D . 5.40 17.08 4.97
C3 GOL D . 6.51 18.13 6.82
O3 GOL D . 5.40 18.37 7.65
#